data_7E6V
#
_entry.id   7E6V
#
_cell.length_a   36.720
_cell.length_b   40.737
_cell.length_c   72.937
_cell.angle_alpha   77.220
_cell.angle_beta   84.380
_cell.angle_gamma   89.960
#
_symmetry.space_group_name_H-M   'P 1'
#
loop_
_entity.id
_entity.type
_entity.pdbx_description
1 polymer 'Protein 2C'
2 non-polymer 'ACETATE ION'
3 water water
#
_entity_poly.entity_id   1
_entity_poly.type   'polypeptide(L)'
_entity_poly.pdbx_seq_one_letter_code
;(MSE)SKSRPEPVVVCLRGKSGQGKSFLANVLAQAISTHFTGAADSVWYCPPDPDHFDGYNQQAVVV(MSE)DDLGQNPD
GKDFKYFAQ(MSE)VSTTGFIPP(MSE)ASLEDKGKPFNSKVIIATSNLYSGFTPRT(MSE)VCPDALNRRFHFDIDVSA
KDGYKVNNKLDIIKALEDTHTNPVA(MSE)FQYDCALLNG(MSE)AVE(MSE)KRLQQDVFKPQPPILNVYQLVDEVIER
VNLHEKVASQPIFKQ
;
_entity_poly.pdbx_strand_id   A,B
#
# COMPACT_ATOMS: atom_id res chain seq x y z
N SER A 4 4.47 7.65 -11.42
CA SER A 4 3.03 7.54 -11.63
C SER A 4 2.28 8.64 -10.86
N ARG A 5 2.02 8.37 -9.58
CA ARG A 5 1.36 9.34 -8.70
C ARG A 5 2.37 10.40 -8.26
N PRO A 6 1.96 11.37 -7.46
CA PRO A 6 2.88 12.44 -7.06
C PRO A 6 3.99 11.88 -6.17
N GLU A 7 5.18 12.42 -6.34
CA GLU A 7 6.28 12.04 -5.47
C GLU A 7 6.06 12.64 -4.09
N PRO A 8 6.23 11.88 -3.01
CA PRO A 8 6.05 12.46 -1.67
C PRO A 8 7.16 13.44 -1.33
N VAL A 9 6.79 14.44 -0.53
CA VAL A 9 7.72 15.42 0.01
C VAL A 9 8.14 14.93 1.39
N VAL A 10 9.45 14.87 1.62
CA VAL A 10 9.99 14.20 2.79
C VAL A 10 10.68 15.22 3.69
N VAL A 11 10.32 15.17 4.96
CA VAL A 11 10.80 16.07 5.98
C VAL A 11 11.42 15.23 7.08
N CYS A 12 12.65 15.56 7.48
CA CYS A 12 13.27 14.97 8.65
C CYS A 12 13.45 16.07 9.68
N LEU A 13 12.96 15.82 10.89
CA LEU A 13 13.15 16.71 12.02
C LEU A 13 14.00 15.97 13.03
N ARG A 14 15.20 16.47 13.30
CA ARG A 14 16.15 15.84 14.23
C ARG A 14 16.54 16.82 15.32
N GLY A 15 17.27 16.31 16.31
CA GLY A 15 17.75 17.15 17.38
C GLY A 15 17.70 16.44 18.72
N LYS A 16 17.95 17.22 19.77
CA LYS A 16 18.08 16.66 21.11
C LYS A 16 16.75 16.21 21.68
N SER A 17 16.81 15.19 22.52
CA SER A 17 15.60 14.61 23.09
C SER A 17 14.78 15.66 23.82
N GLY A 18 13.48 15.69 23.52
CA GLY A 18 12.55 16.58 24.20
C GLY A 18 12.77 18.05 23.97
N GLN A 19 13.49 18.45 22.93
CA GLN A 19 13.74 19.86 22.68
C GLN A 19 12.93 20.38 21.50
N GLY A 20 11.90 19.62 21.11
CA GLY A 20 10.95 20.15 20.16
C GLY A 20 10.61 19.31 18.93
N LYS A 21 11.52 18.44 18.51
CA LYS A 21 11.34 17.81 17.21
C LYS A 21 10.03 17.03 17.16
N SER A 22 9.64 16.36 18.24
CA SER A 22 8.43 15.55 18.20
C SER A 22 7.20 16.43 18.15
N PHE A 23 7.18 17.49 18.96
CA PHE A 23 6.06 18.42 18.94
C PHE A 23 5.91 19.05 17.57
N LEU A 24 7.03 19.43 16.94
CA LEU A 24 6.98 20.02 15.62
C LEU A 24 6.58 19.00 14.56
N ALA A 25 7.00 17.74 14.70
CA ALA A 25 6.50 16.72 13.79
C ALA A 25 4.97 16.72 13.78
N ASN A 26 4.37 16.70 14.95
CA ASN A 26 2.92 16.58 15.03
C ASN A 26 2.23 17.84 14.54
N VAL A 27 2.77 19.00 14.87
CA VAL A 27 2.18 20.25 14.40
C VAL A 27 2.28 20.35 12.89
N LEU A 28 3.42 19.98 12.31
CA LEU A 28 3.54 20.08 10.87
C LEU A 28 2.58 19.14 10.18
N ALA A 29 2.45 17.91 10.70
CA ALA A 29 1.57 16.93 10.08
C ALA A 29 0.15 17.43 10.02
N GLN A 30 -0.36 17.95 11.15
CA GLN A 30 -1.73 18.43 11.20
C GLN A 30 -1.91 19.70 10.38
N ALA A 31 -0.89 20.56 10.34
CA ALA A 31 -0.95 21.74 9.51
C ALA A 31 -1.07 21.39 8.04
N ILE A 32 -0.24 20.43 7.57
CA ILE A 32 -0.30 20.01 6.18
C ILE A 32 -1.62 19.31 5.89
N SER A 33 -2.06 18.40 6.78
CA SER A 33 -3.36 17.78 6.62
C SER A 33 -4.45 18.82 6.47
N THR A 34 -4.40 19.87 7.30
CA THR A 34 -5.45 20.89 7.28
C THR A 34 -5.44 21.67 5.99
N HIS A 35 -4.25 21.99 5.47
CA HIS A 35 -4.21 22.78 4.25
C HIS A 35 -4.78 21.99 3.08
N PHE A 36 -4.47 20.70 2.97
CA PHE A 36 -4.83 19.93 1.79
C PHE A 36 -6.16 19.19 1.92
N THR A 37 -6.65 18.93 3.14
CA THR A 37 -7.92 18.25 3.31
C THR A 37 -8.93 19.06 4.09
N GLY A 38 -8.54 20.21 4.64
CA GLY A 38 -9.43 21.05 5.39
C GLY A 38 -9.47 20.76 6.88
N ALA A 39 -8.98 19.60 7.30
CA ALA A 39 -8.99 19.22 8.70
C ALA A 39 -7.68 18.49 9.02
N ALA A 40 -7.45 18.30 10.32
CA ALA A 40 -6.15 17.88 10.83
C ALA A 40 -5.97 16.38 10.92
N ASP A 41 -6.96 15.61 10.54
CA ASP A 41 -6.94 14.18 10.82
C ASP A 41 -6.45 13.31 9.68
N SER A 42 -6.06 13.86 8.54
CA SER A 42 -5.50 13.03 7.48
C SER A 42 -4.01 12.77 7.74
N VAL A 43 -3.74 12.13 8.87
CA VAL A 43 -2.37 11.78 9.27
C VAL A 43 -2.32 10.31 9.69
N TRP A 44 -1.37 9.56 9.14
CA TRP A 44 -1.17 8.17 9.50
C TRP A 44 0.19 8.05 10.19
N TYR A 45 0.19 7.51 11.40
CA TYR A 45 1.41 7.31 12.19
C TYR A 45 1.87 5.88 11.99
N CYS A 46 3.04 5.74 11.38
CA CYS A 46 3.61 4.41 11.17
C CYS A 46 3.73 3.70 12.52
N PRO A 47 3.21 2.49 12.65
CA PRO A 47 3.31 1.79 13.94
C PRO A 47 4.69 1.18 14.11
N PRO A 48 5.00 0.66 15.29
CA PRO A 48 6.33 0.05 15.50
C PRO A 48 6.64 -1.07 14.51
N ASP A 49 5.69 -1.97 14.28
CA ASP A 49 5.84 -3.05 13.30
C ASP A 49 4.97 -2.76 12.09
N PRO A 50 5.53 -2.25 11.00
CA PRO A 50 4.70 -2.06 9.79
C PRO A 50 4.33 -3.42 9.18
N ASP A 51 3.47 -4.17 9.87
CA ASP A 51 3.01 -5.47 9.39
C ASP A 51 2.11 -5.30 8.17
N HIS A 52 0.91 -4.79 8.39
CA HIS A 52 -0.09 -4.71 7.32
C HIS A 52 -0.55 -3.28 7.05
N PHE A 53 0.14 -2.27 7.57
CA PHE A 53 -0.22 -0.87 7.34
C PHE A 53 -1.68 -0.63 7.74
N ASP A 54 -2.04 -1.12 8.91
CA ASP A 54 -3.42 -1.02 9.38
C ASP A 54 -3.85 0.45 9.42
N GLY A 55 -5.00 0.72 8.82
CA GLY A 55 -5.57 2.05 8.87
C GLY A 55 -5.04 3.03 7.85
N TYR A 56 -4.09 2.62 7.02
CA TYR A 56 -3.58 3.51 6.00
C TYR A 56 -4.61 3.62 4.89
N ASN A 57 -4.87 4.85 4.48
CA ASN A 57 -5.96 5.15 3.55
C ASN A 57 -5.55 6.32 2.67
N GLN A 58 -4.29 6.33 2.25
CA GLN A 58 -3.81 7.40 1.39
C GLN A 58 -3.96 8.75 2.09
N GLN A 59 -3.66 8.76 3.39
CA GLN A 59 -3.65 10.00 4.15
C GLN A 59 -2.70 11.01 3.55
N ALA A 60 -3.00 12.28 3.81
CA ALA A 60 -2.16 13.35 3.28
C ALA A 60 -0.74 13.23 3.80
N VAL A 61 -0.59 12.91 5.09
CA VAL A 61 0.67 12.91 5.79
C VAL A 61 0.90 11.55 6.44
N VAL A 62 2.12 11.04 6.32
CA VAL A 62 2.61 9.88 7.07
C VAL A 62 3.70 10.38 8.01
N VAL A 63 3.62 9.96 9.27
CA VAL A 63 4.61 10.31 10.29
C VAL A 63 5.32 9.05 10.73
N ASP A 65 8.06 7.92 13.62
CA ASP A 65 8.73 8.35 14.83
C ASP A 65 10.09 7.68 14.98
N ASP A 66 11.09 8.47 15.34
CA ASP A 66 12.39 7.95 15.75
C ASP A 66 12.98 7.02 14.68
N LEU A 67 12.99 7.52 13.44
CA LEU A 67 13.41 6.71 12.31
C LEU A 67 14.88 6.34 12.45
N GLY A 68 15.16 5.04 12.50
CA GLY A 68 16.51 4.55 12.62
C GLY A 68 16.93 4.11 14.00
N GLN A 69 16.00 4.01 14.96
CA GLN A 69 16.38 3.70 16.33
C GLN A 69 16.29 2.22 16.67
N ASN A 70 15.62 1.42 15.84
CA ASN A 70 15.57 -0.02 16.06
C ASN A 70 16.67 -0.67 15.23
N PRO A 71 17.70 -1.25 15.84
CA PRO A 71 18.80 -1.84 15.04
C PRO A 71 18.33 -2.81 13.97
N ASP A 72 17.25 -3.56 14.20
CA ASP A 72 16.80 -4.52 13.20
C ASP A 72 16.34 -3.81 11.93
N GLY A 73 15.80 -2.61 12.03
CA GLY A 73 15.66 -1.74 10.89
C GLY A 73 14.51 -2.02 9.95
N LYS A 74 13.34 -2.39 10.48
CA LYS A 74 12.15 -2.47 9.64
C LYS A 74 11.75 -1.09 9.12
N ASP A 75 11.97 -0.05 9.92
CA ASP A 75 11.49 1.28 9.57
C ASP A 75 12.19 1.83 8.33
N PHE A 76 13.52 1.66 8.24
CA PHE A 76 14.23 2.13 7.06
C PHE A 76 13.71 1.42 5.81
N LYS A 77 13.37 0.13 5.93
CA LYS A 77 13.01 -0.65 4.75
C LYS A 77 11.74 -0.11 4.10
N TYR A 78 10.68 0.10 4.89
CA TYR A 78 9.44 0.62 4.32
C TYR A 78 9.62 2.07 3.88
N PHE A 79 10.27 2.89 4.70
CA PHE A 79 10.56 4.26 4.29
C PHE A 79 11.23 4.29 2.93
N ALA A 80 12.25 3.45 2.73
CA ALA A 80 12.93 3.42 1.44
C ALA A 80 11.96 3.16 0.31
N GLN A 81 11.01 2.25 0.51
CA GLN A 81 10.04 1.96 -0.54
C GLN A 81 9.13 3.15 -0.80
N VAL A 83 9.64 6.18 -0.71
CA VAL A 83 10.33 7.18 -1.54
C VAL A 83 11.02 6.46 -2.68
N SER A 84 10.47 5.30 -3.06
CA SER A 84 11.04 4.54 -4.16
C SER A 84 10.91 5.30 -5.49
N THR A 85 11.60 4.79 -6.52
CA THR A 85 11.32 5.22 -7.89
C THR A 85 10.06 4.54 -8.41
N THR A 86 9.92 3.23 -8.15
CA THR A 86 8.72 2.48 -8.46
C THR A 86 7.63 2.77 -7.42
N GLY A 87 6.39 2.42 -7.78
CA GLY A 87 5.26 2.71 -6.94
C GLY A 87 4.98 1.71 -5.83
N PHE A 88 5.36 2.07 -4.60
CA PHE A 88 5.21 1.19 -3.44
C PHE A 88 3.77 0.79 -3.23
N ILE A 89 3.55 -0.52 -3.11
CA ILE A 89 2.24 -1.07 -2.83
C ILE A 89 2.25 -1.63 -1.42
N PRO A 90 1.72 -0.90 -0.41
CA PRO A 90 1.85 -1.39 0.96
C PRO A 90 1.08 -2.67 1.15
N PRO A 91 1.53 -3.52 2.09
CA PRO A 91 0.75 -4.71 2.43
C PRO A 91 -0.47 -4.30 3.22
N ALA A 93 -4.42 -5.75 4.95
CA ALA A 93 -4.95 -6.96 5.55
C ALA A 93 -6.10 -7.55 4.72
N SER A 94 -7.03 -6.70 4.28
CA SER A 94 -8.24 -7.16 3.63
C SER A 94 -8.09 -7.15 2.12
N LEU A 95 -8.58 -8.21 1.47
CA LEU A 95 -8.52 -8.27 0.02
C LEU A 95 -8.95 -6.95 -0.61
N GLU A 96 -9.97 -6.30 -0.02
CA GLU A 96 -10.52 -5.08 -0.60
C GLU A 96 -9.45 -4.00 -0.79
N ASP A 97 -8.51 -3.90 0.16
CA ASP A 97 -7.51 -2.84 0.16
C ASP A 97 -6.21 -3.24 -0.50
N LYS A 98 -6.00 -4.53 -0.75
CA LYS A 98 -4.74 -4.99 -1.31
C LYS A 98 -4.57 -4.39 -2.70
N GLY A 99 -3.33 -4.04 -3.03
CA GLY A 99 -3.02 -3.46 -4.32
C GLY A 99 -3.17 -1.95 -4.39
N LYS A 100 -3.80 -1.33 -3.42
CA LYS A 100 -3.92 0.12 -3.41
C LYS A 100 -2.54 0.76 -3.28
N PRO A 101 -2.17 1.67 -4.17
CA PRO A 101 -0.83 2.26 -4.07
C PRO A 101 -0.69 3.08 -2.80
N PHE A 102 0.56 3.21 -2.35
CA PHE A 102 0.90 4.23 -1.37
C PHE A 102 0.83 5.58 -2.05
N ASN A 103 0.04 6.49 -1.50
CA ASN A 103 -0.15 7.82 -2.10
C ASN A 103 -0.43 8.80 -0.97
N SER A 104 0.64 9.27 -0.34
CA SER A 104 0.59 10.34 0.66
C SER A 104 1.43 11.51 0.16
N LYS A 105 1.03 12.72 0.54
CA LYS A 105 1.66 13.93 0.02
C LYS A 105 2.98 14.23 0.71
N VAL A 106 3.07 13.96 2.00
CA VAL A 106 4.21 14.35 2.80
C VAL A 106 4.54 13.21 3.75
N ILE A 107 5.83 12.88 3.85
CA ILE A 107 6.34 11.96 4.86
C ILE A 107 7.22 12.74 5.83
N ILE A 108 6.91 12.64 7.12
CA ILE A 108 7.63 13.36 8.16
C ILE A 108 8.27 12.35 9.08
N ALA A 109 9.59 12.35 9.16
CA ALA A 109 10.31 11.51 10.11
C ALA A 109 10.92 12.34 11.22
N THR A 110 10.82 11.86 12.45
CA THR A 110 11.66 12.36 13.51
C THR A 110 12.87 11.43 13.58
N SER A 111 14.01 11.99 13.95
CA SER A 111 15.20 11.14 14.11
C SER A 111 16.10 11.68 15.23
N ASN A 112 16.69 10.74 15.97
CA ASN A 112 17.69 11.04 16.98
C ASN A 112 19.12 10.83 16.45
N LEU A 113 19.25 10.61 15.16
CA LEU A 113 20.55 10.33 14.56
C LEU A 113 21.33 11.61 14.28
N TYR A 114 22.64 11.53 14.45
CA TYR A 114 23.53 12.63 14.13
C TYR A 114 23.70 12.73 12.62
N SER A 115 23.82 13.95 12.12
CA SER A 115 24.18 14.17 10.72
C SER A 115 25.38 15.10 10.68
N GLY A 116 26.51 14.61 10.16
CA GLY A 116 27.73 15.39 10.07
C GLY A 116 27.76 16.35 8.88
N LEU A 128 20.26 8.18 1.51
CA LEU A 128 19.35 8.14 2.66
C LEU A 128 18.98 9.56 3.07
N ASN A 129 19.93 10.27 3.68
CA ASN A 129 19.75 11.69 3.93
C ASN A 129 19.45 12.44 2.63
N ARG A 130 19.97 11.94 1.49
CA ARG A 130 19.69 12.55 0.19
C ARG A 130 18.24 12.38 -0.25
N ARG A 131 17.43 11.65 0.51
CA ARG A 131 16.01 11.50 0.20
C ARG A 131 15.15 12.53 0.93
N PHE A 132 15.73 13.40 1.74
CA PHE A 132 14.98 14.39 2.50
C PHE A 132 14.97 15.70 1.73
N HIS A 133 13.78 16.25 1.48
CA HIS A 133 13.72 17.58 0.88
C HIS A 133 13.97 18.67 1.92
N PHE A 134 13.60 18.39 3.17
CA PHE A 134 13.79 19.27 4.31
C PHE A 134 14.37 18.43 5.44
N ASP A 135 15.52 18.87 5.95
CA ASP A 135 16.27 18.16 7.00
C ASP A 135 16.64 19.24 8.01
N ILE A 136 16.02 19.21 9.19
CA ILE A 136 16.07 20.34 10.11
C ILE A 136 16.39 19.85 11.51
N ASP A 137 17.43 20.45 12.12
CA ASP A 137 17.75 20.20 13.53
C ASP A 137 16.94 21.17 14.38
N VAL A 138 16.30 20.64 15.42
CA VAL A 138 15.40 21.42 16.26
C VAL A 138 15.95 21.43 17.68
N SER A 139 16.18 22.63 18.23
CA SER A 139 16.66 22.76 19.59
C SER A 139 15.90 23.87 20.32
N ALA A 140 15.91 23.80 21.64
CA ALA A 140 15.20 24.76 22.47
C ALA A 140 16.07 25.99 22.70
N LYS A 141 15.50 27.18 22.55
CA LYS A 141 16.23 28.39 22.83
C LYS A 141 16.20 28.70 24.32
N ASP A 142 17.16 29.53 24.76
CA ASP A 142 17.46 29.61 26.20
C ASP A 142 16.25 30.07 27.02
N GLY A 143 15.50 31.05 26.51
CA GLY A 143 14.34 31.51 27.27
C GLY A 143 13.24 30.48 27.42
N TYR A 144 13.35 29.33 26.74
CA TYR A 144 12.31 28.31 26.77
C TYR A 144 12.89 26.94 27.06
N LYS A 145 13.92 26.88 27.87
CA LYS A 145 14.67 25.67 28.13
C LYS A 145 14.67 25.47 29.64
N VAL A 146 14.20 24.30 30.07
CA VAL A 146 14.12 23.95 31.49
C VAL A 146 14.56 22.50 31.64
N ASN A 147 15.53 22.27 32.54
CA ASN A 147 16.39 21.10 32.61
C ASN A 147 16.60 20.41 31.26
N ASN A 148 17.28 21.10 30.36
CA ASN A 148 17.71 20.57 29.08
C ASN A 148 16.55 20.09 28.21
N LYS A 149 15.35 20.59 28.46
CA LYS A 149 14.19 20.26 27.64
C LYS A 149 13.44 21.54 27.29
N LEU A 150 12.68 21.47 26.20
CA LEU A 150 11.81 22.58 25.84
C LEU A 150 10.74 22.76 26.90
N ASP A 151 10.54 24.00 27.31
CA ASP A 151 9.48 24.36 28.24
C ASP A 151 8.23 24.55 27.39
N ILE A 152 7.48 23.46 27.19
CA ILE A 152 6.41 23.48 26.22
C ILE A 152 5.25 24.34 26.70
N ILE A 153 5.05 24.43 28.01
CA ILE A 153 3.97 25.28 28.52
C ILE A 153 4.26 26.73 28.18
N LYS A 154 5.49 27.19 28.43
CA LYS A 154 5.85 28.55 28.03
C LYS A 154 5.80 28.71 26.51
N ALA A 155 6.25 27.68 25.78
CA ALA A 155 6.29 27.75 24.32
C ALA A 155 4.91 27.80 23.69
N LEU A 156 3.88 27.30 24.38
CA LEU A 156 2.50 27.33 23.90
C LEU A 156 1.71 28.51 24.42
N GLU A 157 2.31 29.35 25.26
CA GLU A 157 1.59 30.50 25.78
C GLU A 157 1.20 31.43 24.64
N ASP A 158 -0.08 31.85 24.66
CA ASP A 158 -0.61 32.78 23.67
C ASP A 158 0.09 34.13 23.78
N THR A 159 0.59 34.63 22.65
CA THR A 159 1.14 35.98 22.64
C THR A 159 0.08 37.05 22.39
N HIS A 160 -1.13 36.66 22.00
CA HIS A 160 -2.21 37.56 21.58
C HIS A 160 -1.87 38.33 20.31
N THR A 161 -0.84 37.90 19.59
CA THR A 161 -0.56 38.31 18.21
C THR A 161 -1.58 37.70 17.26
N ASN A 162 -1.81 38.39 16.14
CA ASN A 162 -2.74 37.88 15.15
C ASN A 162 -2.34 36.47 14.72
N PRO A 163 -3.27 35.52 14.69
CA PRO A 163 -2.92 34.17 14.23
C PRO A 163 -2.66 34.12 12.73
N VAL A 164 -2.07 33.00 12.31
CA VAL A 164 -1.54 32.82 10.97
C VAL A 164 -2.17 31.58 10.35
N ALA A 165 -2.68 31.72 9.13
CA ALA A 165 -3.09 30.55 8.30
C ALA A 165 -4.07 29.68 9.08
N PHE A 167 -3.61 28.24 11.90
CA PHE A 167 -3.31 28.19 13.33
C PHE A 167 -4.25 29.11 14.10
N GLN A 168 -4.79 28.63 15.20
CA GLN A 168 -5.83 29.36 15.93
C GLN A 168 -5.28 30.50 16.76
N TYR A 169 -4.03 30.43 17.21
CA TYR A 169 -3.38 31.55 17.88
C TYR A 169 -1.88 31.46 17.68
N ASP A 170 -1.17 32.51 18.08
CA ASP A 170 0.27 32.58 17.92
C ASP A 170 0.98 32.27 19.23
N CYS A 171 2.07 31.51 19.14
CA CYS A 171 2.87 31.22 20.32
C CYS A 171 4.32 31.02 19.90
N ALA A 172 5.20 31.01 20.91
CA ALA A 172 6.63 30.95 20.67
C ALA A 172 7.04 29.66 19.99
N LEU A 173 6.31 28.57 20.22
CA LEU A 173 6.64 27.34 19.54
C LEU A 173 6.51 27.52 18.03
N LEU A 174 5.52 28.28 17.61
CA LEU A 174 5.23 28.42 16.18
C LEU A 174 5.99 29.57 15.53
N ASN A 175 6.26 30.67 16.26
CA ASN A 175 6.78 31.89 15.64
C ASN A 175 8.31 31.98 15.67
N GLY A 176 9.00 31.03 16.29
CA GLY A 176 10.44 30.98 16.25
C GLY A 176 11.15 31.38 17.52
N ALA A 178 10.74 30.07 20.54
CA ALA A 178 10.96 29.00 21.50
C ALA A 178 11.97 27.97 21.03
N VAL A 179 12.07 27.76 19.72
CA VAL A 179 12.89 26.71 19.17
C VAL A 179 13.72 27.25 18.03
N GLU A 180 14.92 26.71 17.90
CA GLU A 180 15.86 27.05 16.85
C GLU A 180 15.84 25.98 15.78
N LYS A 182 17.63 24.63 12.36
CA LYS A 182 18.90 24.71 11.61
C LYS A 182 18.77 23.76 10.44
N ARG A 183 18.61 24.31 9.24
CA ARG A 183 18.44 23.47 8.06
C ARG A 183 19.77 22.84 7.69
N LEU A 184 19.78 21.51 7.56
CA LEU A 184 20.95 20.76 7.13
C LEU A 184 20.95 20.72 5.60
N GLN A 185 22.06 21.11 5.00
CA GLN A 185 22.11 21.37 3.56
C GLN A 185 22.97 20.33 2.85
N GLN A 186 22.48 19.91 1.67
CA GLN A 186 23.18 18.93 0.85
C GLN A 186 24.42 19.56 0.20
N ASP A 187 24.21 20.61 -0.59
CA ASP A 187 25.29 21.32 -1.27
C ASP A 187 25.99 22.25 -0.28
N VAL A 188 26.99 22.98 -0.77
CA VAL A 188 27.82 23.85 0.06
C VAL A 188 27.73 25.30 -0.41
N PHE A 189 27.89 25.53 -1.72
CA PHE A 189 27.71 26.89 -2.25
C PHE A 189 26.55 26.91 -3.25
N LYS A 190 25.56 26.04 -3.03
CA LYS A 190 24.25 26.19 -3.65
C LYS A 190 23.17 26.13 -2.57
N PRO A 191 23.29 26.92 -1.51
CA PRO A 191 22.56 26.62 -0.27
C PRO A 191 21.08 26.96 -0.40
N GLN A 192 20.23 26.00 -0.05
CA GLN A 192 18.81 26.28 0.11
C GLN A 192 18.61 27.24 1.27
N PRO A 193 17.59 28.09 1.20
CA PRO A 193 17.47 29.19 2.18
C PRO A 193 17.14 28.66 3.55
N PRO A 194 17.43 29.45 4.60
CA PRO A 194 17.13 28.99 5.96
C PRO A 194 15.64 28.89 6.19
N ILE A 195 15.27 27.97 7.06
CA ILE A 195 13.88 27.79 7.49
C ILE A 195 13.86 28.05 9.00
N LEU A 196 13.13 29.08 9.41
CA LEU A 196 13.37 29.67 10.72
C LEU A 196 12.26 29.47 11.71
N ASN A 197 11.02 29.27 11.26
CA ASN A 197 9.96 28.92 12.20
C ASN A 197 8.94 28.00 11.52
N VAL A 198 7.96 27.56 12.32
CA VAL A 198 6.98 26.60 11.84
C VAL A 198 6.16 27.20 10.70
N TYR A 199 5.75 28.46 10.84
CA TYR A 199 4.93 29.07 9.79
C TYR A 199 5.64 28.95 8.43
N GLN A 200 6.93 29.28 8.40
CA GLN A 200 7.68 29.22 7.17
C GLN A 200 7.85 27.79 6.69
N LEU A 201 8.18 26.87 7.61
CA LEU A 201 8.32 25.47 7.24
C LEU A 201 7.03 24.95 6.63
N VAL A 202 5.89 25.28 7.23
CA VAL A 202 4.61 24.85 6.66
C VAL A 202 4.46 25.37 5.23
N ASP A 203 4.78 26.65 5.01
CA ASP A 203 4.58 27.19 3.66
C ASP A 203 5.56 26.61 2.66
N GLU A 204 6.77 26.29 3.08
CA GLU A 204 7.74 25.68 2.18
C GLU A 204 7.32 24.27 1.78
N VAL A 205 6.81 23.49 2.73
CA VAL A 205 6.34 22.15 2.42
C VAL A 205 5.09 22.20 1.54
N ILE A 206 4.15 23.09 1.84
CA ILE A 206 2.99 23.27 0.97
C ILE A 206 3.45 23.60 -0.45
N GLU A 207 4.35 24.59 -0.59
CA GLU A 207 4.78 24.99 -1.92
C GLU A 207 5.41 23.81 -2.66
N ARG A 208 6.17 22.98 -1.95
CA ARG A 208 6.85 21.88 -2.62
C ARG A 208 5.87 20.78 -2.99
N VAL A 209 4.88 20.52 -2.12
CA VAL A 209 3.83 19.56 -2.48
C VAL A 209 3.06 20.06 -3.70
N ASN A 210 2.79 21.37 -3.76
CA ASN A 210 2.06 21.90 -4.90
C ASN A 210 2.83 21.65 -6.21
N LEU A 211 4.15 21.81 -6.18
CA LEU A 211 4.98 21.56 -7.36
C LEU A 211 4.93 20.09 -7.75
N HIS A 212 5.12 19.20 -6.78
CA HIS A 212 5.07 17.77 -7.04
C HIS A 212 3.74 17.35 -7.64
N GLU A 213 2.62 17.89 -7.13
CA GLU A 213 1.31 17.52 -7.66
C GLU A 213 1.02 18.13 -9.02
N LYS A 214 1.52 19.33 -9.28
CA LYS A 214 1.29 19.94 -10.59
C LYS A 214 2.06 19.21 -11.70
N VAL A 215 3.33 18.84 -11.44
CA VAL A 215 4.09 18.13 -12.47
C VAL A 215 3.49 16.74 -12.68
N ALA A 216 2.83 16.18 -11.67
CA ALA A 216 2.23 14.87 -11.85
C ALA A 216 0.82 14.92 -12.43
N SER A 217 0.13 16.06 -12.37
CA SER A 217 -1.22 16.17 -12.90
C SER A 217 -1.34 16.98 -14.19
N GLN A 218 -0.37 17.83 -14.51
CA GLN A 218 -0.43 18.66 -15.70
C GLN A 218 0.23 17.90 -16.84
N PRO A 219 -0.51 17.47 -17.86
CA PRO A 219 0.11 16.68 -18.94
C PRO A 219 1.00 17.53 -19.85
N ILE A 220 2.04 16.89 -20.38
CA ILE A 220 2.80 17.48 -21.47
C ILE A 220 1.98 17.41 -22.76
N PHE A 221 1.19 16.36 -22.91
CA PHE A 221 0.46 16.07 -24.14
C PHE A 221 -1.03 16.02 -23.82
N LYS A 222 -1.84 16.52 -24.76
CA LYS A 222 -3.27 16.54 -24.56
C LYS A 222 -3.79 15.14 -24.29
N GLN A 223 -4.37 14.94 -23.12
CA GLN A 223 -4.88 13.61 -22.75
C GLN A 223 -6.41 13.59 -22.80
N ARG B 5 2.33 -15.85 -25.58
CA ARG B 5 2.28 -16.33 -24.21
C ARG B 5 1.32 -17.52 -24.03
N PRO B 6 1.48 -18.27 -22.95
CA PRO B 6 0.39 -19.18 -22.54
C PRO B 6 -0.86 -18.36 -22.25
N GLU B 7 -2.01 -18.92 -22.60
CA GLU B 7 -3.28 -18.29 -22.28
C GLU B 7 -3.49 -18.33 -20.77
N PRO B 8 -3.85 -17.21 -20.14
CA PRO B 8 -4.12 -17.26 -18.69
C PRO B 8 -5.37 -18.07 -18.36
N VAL B 9 -5.31 -18.69 -17.19
CA VAL B 9 -6.44 -19.42 -16.62
C VAL B 9 -7.22 -18.46 -15.76
N VAL B 10 -8.53 -18.39 -15.97
CA VAL B 10 -9.36 -17.37 -15.35
C VAL B 10 -10.36 -18.04 -14.42
N VAL B 11 -10.40 -17.53 -13.18
CA VAL B 11 -11.24 -18.05 -12.10
C VAL B 11 -12.12 -16.90 -11.62
N CYS B 12 -13.42 -17.16 -11.53
CA CYS B 12 -14.35 -16.21 -10.92
C CYS B 12 -14.91 -16.84 -9.65
N LEU B 13 -14.76 -16.15 -8.53
CA LEU B 13 -15.34 -16.58 -7.27
C LEU B 13 -16.48 -15.62 -6.97
N ARG B 14 -17.69 -16.14 -6.94
CA ARG B 14 -18.88 -15.35 -6.65
C ARG B 14 -19.49 -15.75 -5.31
N GLY B 15 -20.51 -14.99 -4.88
CA GLY B 15 -21.25 -15.38 -3.70
C GLY B 15 -21.62 -14.26 -2.76
N LYS B 16 -22.27 -14.60 -1.65
CA LYS B 16 -22.71 -13.59 -0.70
C LYS B 16 -21.53 -12.91 -0.01
N SER B 17 -21.72 -11.63 0.29
CA SER B 17 -20.71 -10.83 0.97
C SER B 17 -20.29 -11.50 2.26
N GLY B 18 -18.98 -11.63 2.44
CA GLY B 18 -18.41 -12.18 3.64
C GLY B 18 -18.67 -13.65 3.87
N GLN B 19 -19.09 -14.41 2.88
CA GLN B 19 -19.31 -15.83 3.07
C GLN B 19 -18.22 -16.66 2.44
N GLY B 20 -17.07 -16.07 2.16
CA GLY B 20 -15.88 -16.85 1.84
C GLY B 20 -15.16 -16.49 0.56
N LYS B 21 -15.83 -15.82 -0.39
CA LYS B 21 -15.23 -15.68 -1.70
C LYS B 21 -13.91 -14.92 -1.65
N SER B 22 -13.83 -13.86 -0.83
CA SER B 22 -12.60 -13.09 -0.75
C SER B 22 -11.48 -13.90 -0.12
N PHE B 23 -11.81 -14.67 0.92
CA PHE B 23 -10.84 -15.51 1.59
C PHE B 23 -10.31 -16.58 0.66
N LEU B 24 -11.23 -17.22 -0.07
CA LEU B 24 -10.84 -18.24 -1.03
C LEU B 24 -9.97 -17.66 -2.13
N ALA B 25 -10.31 -16.45 -2.62
CA ALA B 25 -9.47 -15.80 -3.64
C ALA B 25 -8.03 -15.64 -3.15
N ASN B 26 -7.87 -15.14 -1.93
CA ASN B 26 -6.52 -14.93 -1.37
C ASN B 26 -5.79 -16.25 -1.18
N VAL B 27 -6.50 -17.26 -0.67
CA VAL B 27 -5.88 -18.57 -0.48
C VAL B 27 -5.49 -19.19 -1.82
N LEU B 28 -6.40 -19.15 -2.80
CA LEU B 28 -6.10 -19.75 -4.09
C LEU B 28 -4.93 -19.03 -4.75
N ALA B 29 -4.90 -17.70 -4.66
CA ALA B 29 -3.81 -16.95 -5.30
C ALA B 29 -2.45 -17.35 -4.74
N GLN B 30 -2.35 -17.41 -3.41
CA GLN B 30 -1.06 -17.74 -2.81
C GLN B 30 -0.71 -19.20 -3.01
N ALA B 31 -1.70 -20.09 -3.00
CA ALA B 31 -1.41 -21.48 -3.29
C ALA B 31 -0.86 -21.68 -4.70
N ILE B 32 -1.45 -20.99 -5.69
CA ILE B 32 -0.96 -21.07 -7.06
C ILE B 32 0.41 -20.41 -7.17
N SER B 33 0.58 -19.22 -6.59
CA SER B 33 1.91 -18.62 -6.52
C SER B 33 2.93 -19.60 -5.95
N THR B 34 2.55 -20.34 -4.90
CA THR B 34 3.51 -21.19 -4.21
C THR B 34 3.88 -22.40 -5.06
N HIS B 35 2.91 -22.98 -5.75
CA HIS B 35 3.21 -24.13 -6.59
C HIS B 35 4.17 -23.77 -7.73
N PHE B 36 3.92 -22.64 -8.40
CA PHE B 36 4.68 -22.32 -9.61
C PHE B 36 5.94 -21.51 -9.36
N THR B 37 6.03 -20.75 -8.26
CA THR B 37 7.23 -20.00 -7.94
C THR B 37 7.92 -20.43 -6.65
N GLY B 38 7.34 -21.33 -5.86
CA GLY B 38 7.93 -21.76 -4.62
C GLY B 38 7.50 -21.00 -3.38
N ALA B 39 6.94 -19.80 -3.55
CA ALA B 39 6.57 -18.93 -2.45
C ALA B 39 5.25 -18.27 -2.80
N ALA B 40 4.66 -17.60 -1.83
CA ALA B 40 3.28 -17.11 -1.94
C ALA B 40 3.17 -15.67 -2.42
N ASP B 41 4.27 -15.02 -2.75
CA ASP B 41 4.25 -13.58 -3.00
C ASP B 41 4.16 -13.21 -4.48
N SER B 42 4.05 -14.17 -5.39
CA SER B 42 3.92 -13.83 -6.82
C SER B 42 2.45 -13.60 -7.16
N VAL B 43 1.88 -12.61 -6.49
CA VAL B 43 0.48 -12.20 -6.68
C VAL B 43 0.43 -10.69 -6.82
N TRP B 44 -0.18 -10.21 -7.89
CA TRP B 44 -0.39 -8.79 -8.12
C TRP B 44 -1.88 -8.53 -7.96
N TYR B 45 -2.22 -7.58 -7.10
CA TYR B 45 -3.60 -7.19 -6.87
C TYR B 45 -3.89 -5.95 -7.69
N CYS B 46 -4.84 -6.05 -8.61
CA CYS B 46 -5.20 -4.93 -9.46
C CYS B 46 -5.72 -3.78 -8.59
N PRO B 47 -5.15 -2.59 -8.68
CA PRO B 47 -5.64 -1.49 -7.86
C PRO B 47 -6.96 -0.97 -8.38
N PRO B 48 -7.67 -0.15 -7.60
CA PRO B 48 -8.96 0.41 -8.07
C PRO B 48 -8.85 1.12 -9.41
N ASP B 49 -7.80 1.90 -9.63
CA ASP B 49 -7.59 2.62 -10.88
C ASP B 49 -6.41 2.00 -11.62
N PRO B 50 -6.64 1.06 -12.52
CA PRO B 50 -5.53 0.53 -13.33
C PRO B 50 -5.10 1.50 -14.43
N ASP B 51 -4.72 2.70 -14.04
CA ASP B 51 -4.14 3.68 -14.95
C ASP B 51 -2.80 3.17 -15.48
N HIS B 52 -1.88 2.88 -14.57
CA HIS B 52 -0.65 2.16 -14.85
C HIS B 52 -0.65 0.90 -14.00
N PHE B 53 0.00 -0.15 -14.50
CA PHE B 53 0.09 -1.40 -13.77
C PHE B 53 1.26 -1.36 -12.78
N ASP B 54 1.19 -0.38 -11.88
CA ASP B 54 2.27 -0.19 -10.92
C ASP B 54 2.54 -1.48 -10.17
N GLY B 55 3.80 -1.89 -10.15
CA GLY B 55 4.20 -3.10 -9.46
C GLY B 55 4.07 -4.37 -10.26
N TYR B 56 3.50 -4.31 -11.44
CA TYR B 56 3.25 -5.53 -12.20
C TYR B 56 4.55 -6.01 -12.82
N ASN B 57 4.93 -7.24 -12.51
CA ASN B 57 6.19 -7.82 -12.97
C ASN B 57 5.96 -9.27 -13.37
N GLN B 58 4.91 -9.50 -14.16
CA GLN B 58 4.60 -10.83 -14.67
C GLN B 58 4.44 -11.82 -13.53
N GLN B 59 3.71 -11.42 -12.50
CA GLN B 59 3.43 -12.29 -11.37
C GLN B 59 2.67 -13.52 -11.86
N ALA B 60 2.79 -14.60 -11.09
CA ALA B 60 2.09 -15.84 -11.42
C ALA B 60 0.57 -15.64 -11.41
N VAL B 61 0.08 -14.82 -10.49
CA VAL B 61 -1.35 -14.63 -10.29
C VAL B 61 -1.68 -13.15 -10.23
N VAL B 62 -2.81 -12.80 -10.86
CA VAL B 62 -3.42 -11.48 -10.78
C VAL B 62 -4.77 -11.64 -10.11
N VAL B 63 -5.05 -10.83 -9.09
CA VAL B 63 -6.32 -10.85 -8.39
C VAL B 63 -7.05 -9.55 -8.68
N ASP B 65 -10.46 -7.58 -7.44
CA ASP B 65 -11.47 -7.59 -6.41
C ASP B 65 -12.77 -6.97 -6.92
N ASP B 66 -13.87 -7.64 -6.64
CA ASP B 66 -15.22 -7.13 -6.91
C ASP B 66 -15.35 -6.62 -8.34
N LEU B 67 -15.07 -7.52 -9.29
CA LEU B 67 -15.16 -7.19 -10.71
C LEU B 67 -16.60 -6.87 -11.07
N GLY B 68 -16.82 -5.66 -11.55
CA GLY B 68 -18.17 -5.18 -11.85
C GLY B 68 -18.73 -4.27 -10.76
N GLY B 73 -16.31 1.47 -15.50
CA GLY B 73 -16.15 0.24 -16.23
C GLY B 73 -14.72 -0.05 -16.66
N LYS B 74 -13.76 0.54 -15.95
CA LYS B 74 -12.36 0.33 -16.29
C LYS B 74 -11.85 -1.04 -15.83
N ASP B 75 -12.43 -1.60 -14.76
CA ASP B 75 -12.04 -2.93 -14.33
C ASP B 75 -12.39 -3.97 -15.38
N PHE B 76 -13.63 -3.92 -15.89
CA PHE B 76 -14.04 -4.89 -16.90
C PHE B 76 -13.16 -4.81 -18.15
N LYS B 77 -12.76 -3.59 -18.55
CA LYS B 77 -12.15 -3.44 -19.86
C LYS B 77 -10.67 -3.83 -19.84
N TYR B 78 -9.95 -3.53 -18.76
CA TYR B 78 -8.60 -4.09 -18.66
C TYR B 78 -8.65 -5.61 -18.51
N PHE B 79 -9.63 -6.12 -17.76
CA PHE B 79 -9.83 -7.57 -17.73
C PHE B 79 -10.03 -8.12 -19.13
N ALA B 80 -10.82 -7.43 -19.96
CA ALA B 80 -10.99 -7.87 -21.35
C ALA B 80 -9.66 -7.92 -22.07
N GLN B 81 -8.79 -6.93 -21.83
CA GLN B 81 -7.45 -6.94 -22.42
C GLN B 81 -6.71 -8.23 -22.08
N VAL B 83 -7.32 -11.08 -21.19
CA VAL B 83 -7.82 -12.37 -21.65
C VAL B 83 -8.11 -12.42 -23.14
N SER B 84 -8.02 -11.30 -23.86
CA SER B 84 -8.31 -11.32 -25.28
C SER B 84 -7.18 -12.02 -26.04
N THR B 85 -7.53 -12.59 -27.19
CA THR B 85 -6.55 -13.38 -27.95
C THR B 85 -5.33 -12.56 -28.33
N THR B 86 -5.52 -11.27 -28.61
CA THR B 86 -4.40 -10.40 -28.95
C THR B 86 -3.60 -10.08 -27.70
N GLY B 87 -2.27 -10.12 -27.84
CA GLY B 87 -1.38 -9.92 -26.72
C GLY B 87 -1.49 -8.56 -26.06
N PHE B 88 -2.06 -8.52 -24.86
CA PHE B 88 -2.19 -7.28 -24.11
C PHE B 88 -0.82 -6.83 -23.62
N ILE B 89 -0.52 -5.54 -23.82
CA ILE B 89 0.69 -4.93 -23.33
C ILE B 89 0.28 -3.90 -22.26
N PRO B 90 0.51 -4.18 -20.98
CA PRO B 90 0.06 -3.25 -19.92
C PRO B 90 0.73 -1.88 -20.07
N PRO B 91 0.00 -0.80 -19.78
CA PRO B 91 0.64 0.52 -19.72
C PRO B 91 1.55 0.60 -18.50
N ALA B 93 4.81 2.68 -16.28
CA ALA B 93 5.20 4.04 -16.00
C ALA B 93 6.59 4.38 -16.56
N SER B 94 7.54 3.46 -16.45
CA SER B 94 8.92 3.75 -16.80
C SER B 94 9.28 3.07 -18.11
N LEU B 95 10.13 3.76 -18.89
CA LEU B 95 10.49 3.27 -20.22
C LEU B 95 11.01 1.84 -20.18
N GLU B 96 11.73 1.46 -19.13
CA GLU B 96 12.34 0.13 -19.11
C GLU B 96 11.29 -0.97 -19.11
N ASP B 97 10.09 -0.71 -18.57
CA ASP B 97 9.05 -1.75 -18.54
C ASP B 97 8.01 -1.59 -19.65
N LYS B 98 7.96 -0.43 -20.31
CA LYS B 98 6.98 -0.26 -21.38
C LYS B 98 7.17 -1.34 -22.44
N GLY B 99 6.07 -1.87 -22.93
CA GLY B 99 6.11 -2.90 -23.93
C GLY B 99 6.22 -4.31 -23.42
N LYS B 100 6.58 -4.51 -22.16
CA LYS B 100 6.59 -5.85 -21.59
C LYS B 100 5.21 -6.48 -21.69
N PRO B 101 5.09 -7.68 -22.24
CA PRO B 101 3.75 -8.27 -22.39
C PRO B 101 3.16 -8.60 -21.04
N PHE B 102 1.83 -8.62 -20.99
CA PHE B 102 1.14 -9.22 -19.85
C PHE B 102 1.38 -10.72 -19.88
N ASN B 103 1.88 -11.27 -18.77
CA ASN B 103 2.28 -12.67 -18.73
C ASN B 103 2.06 -13.17 -17.28
N SER B 104 0.80 -13.42 -16.94
CA SER B 104 0.43 -14.04 -15.67
C SER B 104 -0.25 -15.37 -15.94
N LYS B 105 -0.09 -16.30 -15.01
CA LYS B 105 -0.58 -17.66 -15.27
C LYS B 105 -2.07 -17.77 -14.98
N VAL B 106 -2.52 -17.10 -13.94
CA VAL B 106 -3.88 -17.19 -13.46
C VAL B 106 -4.38 -15.80 -13.14
N ILE B 107 -5.63 -15.53 -13.53
CA ILE B 107 -6.39 -14.34 -13.12
C ILE B 107 -7.56 -14.80 -12.28
N ILE B 108 -7.66 -14.28 -11.05
CA ILE B 108 -8.75 -14.62 -10.14
C ILE B 108 -9.55 -13.35 -9.88
N ALA B 109 -10.82 -13.37 -10.25
CA ALA B 109 -11.73 -12.28 -9.93
C ALA B 109 -12.72 -12.73 -8.87
N THR B 110 -12.99 -11.85 -7.92
CA THR B 110 -14.16 -12.00 -7.08
C THR B 110 -15.25 -11.11 -7.68
N SER B 111 -16.50 -11.50 -7.48
CA SER B 111 -17.59 -10.70 -8.00
C SER B 111 -18.81 -10.89 -7.12
N ASN B 112 -19.53 -9.79 -6.92
CA ASN B 112 -20.81 -9.80 -6.23
C ASN B 112 -21.98 -9.82 -7.21
N LEU B 113 -21.72 -10.21 -8.46
CA LEU B 113 -22.72 -10.22 -9.50
C LEU B 113 -23.46 -11.55 -9.54
N TYR B 114 -24.76 -11.48 -9.75
CA TYR B 114 -25.59 -12.66 -9.94
C TYR B 114 -25.30 -13.31 -11.28
N SER B 115 -25.37 -14.63 -11.31
CA SER B 115 -25.24 -15.36 -12.56
C SER B 115 -26.41 -16.34 -12.68
N GLY B 116 -27.20 -16.19 -13.73
CA GLY B 116 -28.32 -17.08 -13.95
C GLY B 116 -27.95 -18.39 -14.61
N ASN B 129 -18.63 -13.66 -19.42
CA ASN B 129 -18.87 -14.84 -18.59
C ASN B 129 -18.26 -16.08 -19.24
N ARG B 130 -18.34 -16.14 -20.58
CA ARG B 130 -17.74 -17.23 -21.35
C ARG B 130 -16.21 -17.21 -21.32
N ARG B 131 -15.62 -16.28 -20.56
CA ARG B 131 -14.17 -16.16 -20.48
C ARG B 131 -13.59 -16.79 -19.23
N PHE B 132 -14.42 -17.42 -18.39
CA PHE B 132 -13.96 -18.02 -17.15
C PHE B 132 -13.79 -19.54 -17.34
N HIS B 133 -12.58 -20.05 -17.09
CA HIS B 133 -12.41 -21.50 -17.01
C HIS B 133 -13.03 -22.08 -15.75
N PHE B 134 -13.09 -21.28 -14.69
CA PHE B 134 -13.71 -21.66 -13.44
C PHE B 134 -14.63 -20.52 -12.99
N ASP B 135 -15.87 -20.85 -12.65
CA ASP B 135 -16.88 -19.88 -12.21
C ASP B 135 -17.59 -20.55 -11.04
N ILE B 136 -17.34 -20.06 -9.83
CA ILE B 136 -17.72 -20.82 -8.64
C ILE B 136 -18.47 -19.91 -7.68
N ASP B 137 -19.61 -20.40 -7.18
CA ASP B 137 -20.36 -19.68 -6.15
C ASP B 137 -19.92 -20.18 -4.77
N VAL B 138 -19.54 -19.24 -3.90
CA VAL B 138 -18.97 -19.58 -2.59
C VAL B 138 -19.94 -19.13 -1.52
N SER B 139 -20.31 -20.05 -0.63
CA SER B 139 -21.22 -19.74 0.48
C SER B 139 -20.75 -20.44 1.76
N ALA B 140 -21.24 -19.93 2.89
CA ALA B 140 -20.87 -20.45 4.20
C ALA B 140 -21.82 -21.58 4.58
N LYS B 141 -21.27 -22.69 5.03
CA LYS B 141 -22.09 -23.84 5.37
C LYS B 141 -22.63 -23.70 6.79
N ASP B 142 -23.71 -24.43 7.06
CA ASP B 142 -24.30 -24.43 8.39
C ASP B 142 -23.26 -24.91 9.40
N GLY B 143 -23.23 -24.26 10.55
CA GLY B 143 -22.20 -24.54 11.53
C GLY B 143 -20.97 -23.69 11.42
N TYR B 144 -20.80 -22.97 10.31
CA TYR B 144 -19.70 -22.05 10.12
C TYR B 144 -20.23 -20.70 9.67
N LYS B 145 -21.46 -20.38 10.06
CA LYS B 145 -22.12 -19.16 9.64
C LYS B 145 -22.61 -18.45 10.89
N VAL B 146 -22.17 -17.21 11.10
CA VAL B 146 -22.57 -16.41 12.24
C VAL B 146 -22.89 -15.02 11.71
N ASN B 147 -24.13 -14.57 11.93
CA ASN B 147 -24.59 -13.27 11.44
C ASN B 147 -24.58 -13.23 9.91
N ASN B 148 -25.05 -14.31 9.30
CA ASN B 148 -25.06 -14.48 7.85
C ASN B 148 -23.70 -14.19 7.20
N LYS B 149 -22.62 -14.50 7.90
CA LYS B 149 -21.28 -14.44 7.32
C LYS B 149 -20.49 -15.66 7.78
N LEU B 150 -19.45 -16.00 7.02
CA LEU B 150 -18.60 -17.12 7.39
C LEU B 150 -17.94 -16.85 8.74
N ASP B 151 -18.03 -17.83 9.63
CA ASP B 151 -17.36 -17.77 10.92
C ASP B 151 -15.91 -18.15 10.66
N ILE B 152 -15.07 -17.14 10.43
CA ILE B 152 -13.74 -17.38 9.88
C ILE B 152 -12.85 -17.98 10.94
N ILE B 153 -13.04 -17.61 12.20
CA ILE B 153 -12.22 -18.20 13.26
C ILE B 153 -12.47 -19.69 13.33
N LYS B 154 -13.75 -20.10 13.32
CA LYS B 154 -14.05 -21.52 13.39
C LYS B 154 -13.54 -22.25 12.15
N ALA B 155 -13.69 -21.64 10.97
CA ALA B 155 -13.22 -22.29 9.74
C ALA B 155 -11.70 -22.44 9.68
N LEU B 156 -10.94 -21.60 10.38
CA LEU B 156 -9.48 -21.67 10.39
C LEU B 156 -8.91 -22.56 11.50
N GLU B 157 -9.76 -23.06 12.40
CA GLU B 157 -9.30 -23.89 13.49
C GLU B 157 -8.66 -25.18 12.97
N ASP B 158 -7.49 -25.50 13.51
CA ASP B 158 -6.74 -26.67 13.06
C ASP B 158 -7.46 -27.96 13.44
N THR B 159 -7.65 -28.83 12.47
CA THR B 159 -8.30 -30.10 12.72
C THR B 159 -7.33 -31.19 13.14
N HIS B 160 -6.02 -30.99 12.97
CA HIS B 160 -5.01 -32.02 13.22
C HIS B 160 -5.08 -33.16 12.21
N THR B 161 -5.91 -33.03 11.17
CA THR B 161 -5.75 -33.85 9.98
C THR B 161 -4.43 -33.53 9.31
N ASN B 162 -3.81 -34.53 8.71
CA ASN B 162 -2.51 -34.35 8.08
C ASN B 162 -2.55 -33.24 7.03
N PRO B 163 -1.52 -32.38 6.98
CA PRO B 163 -1.51 -31.28 6.00
C PRO B 163 -1.42 -31.77 4.56
N VAL B 164 -1.83 -30.90 3.64
CA VAL B 164 -1.93 -31.23 2.22
C VAL B 164 -1.08 -30.27 1.40
N ALA B 165 -0.31 -30.81 0.46
CA ALA B 165 0.41 -30.01 -0.52
C ALA B 165 1.17 -28.88 0.13
N PHE B 167 -0.02 -26.53 2.01
CA PHE B 167 -0.72 -26.02 3.17
C PHE B 167 -0.12 -26.57 4.45
N GLN B 168 0.05 -25.68 5.43
CA GLN B 168 0.78 -26.04 6.64
C GLN B 168 -0.07 -26.84 7.63
N TYR B 169 -1.39 -26.66 7.62
CA TYR B 169 -2.29 -27.45 8.43
C TYR B 169 -3.63 -27.53 7.72
N ASP B 170 -4.51 -28.40 8.23
CA ASP B 170 -5.85 -28.58 7.68
C ASP B 170 -6.89 -27.86 8.53
N CYS B 171 -7.90 -27.30 7.86
CA CYS B 171 -8.99 -26.63 8.55
C CYS B 171 -10.23 -26.68 7.66
N ALA B 172 -11.37 -26.31 8.24
CA ALA B 172 -12.67 -26.45 7.57
C ALA B 172 -12.78 -25.53 6.35
N LEU B 173 -12.14 -24.37 6.38
CA LEU B 173 -12.12 -23.54 5.18
C LEU B 173 -11.54 -24.32 4.01
N LEU B 174 -10.48 -25.08 4.26
CA LEU B 174 -9.76 -25.78 3.20
C LEU B 174 -10.36 -27.13 2.87
N ASN B 175 -10.90 -27.84 3.84
CA ASN B 175 -11.29 -29.22 3.60
C ASN B 175 -12.74 -29.36 3.17
N GLY B 176 -13.47 -28.27 2.99
CA GLY B 176 -14.81 -28.27 2.44
C GLY B 176 -15.94 -28.23 3.45
N ALA B 178 -16.52 -25.93 5.84
CA ALA B 178 -16.99 -24.59 6.21
C ALA B 178 -17.58 -23.79 5.04
N VAL B 179 -17.15 -24.04 3.82
CA VAL B 179 -17.59 -23.26 2.69
C VAL B 179 -18.02 -24.20 1.57
N GLU B 180 -19.21 -23.97 1.04
CA GLU B 180 -19.66 -24.70 -0.13
C GLU B 180 -19.19 -23.99 -1.40
N LYS B 182 -19.98 -24.22 -5.43
CA LYS B 182 -20.75 -24.75 -6.55
C LYS B 182 -20.22 -24.26 -7.89
N ARG B 183 -19.97 -25.19 -8.80
CA ARG B 183 -19.64 -24.79 -10.17
C ARG B 183 -20.84 -24.14 -10.85
N LEU B 184 -20.55 -23.16 -11.70
CA LEU B 184 -21.54 -22.54 -12.58
C LEU B 184 -21.12 -22.87 -14.01
N GLN B 185 -22.08 -23.33 -14.82
CA GLN B 185 -21.78 -23.78 -16.18
C GLN B 185 -22.03 -22.65 -17.16
N PRO B 193 -18.90 -32.59 -12.50
CA PRO B 193 -17.97 -32.90 -11.40
C PRO B 193 -18.09 -31.84 -10.32
N PRO B 194 -18.27 -32.24 -9.07
CA PRO B 194 -18.34 -31.27 -7.98
C PRO B 194 -16.96 -30.82 -7.54
N ILE B 195 -16.97 -29.78 -6.70
CA ILE B 195 -15.77 -29.29 -6.02
C ILE B 195 -15.96 -29.56 -4.53
N LEU B 196 -15.13 -30.42 -3.95
CA LEU B 196 -15.34 -30.88 -2.59
C LEU B 196 -14.43 -30.20 -1.56
N ASN B 197 -13.52 -29.34 -1.98
CA ASN B 197 -12.61 -28.69 -1.03
C ASN B 197 -11.69 -27.78 -1.84
N VAL B 198 -10.99 -26.91 -1.11
CA VAL B 198 -10.04 -25.98 -1.72
C VAL B 198 -8.87 -26.73 -2.32
N TYR B 199 -8.45 -27.83 -1.68
CA TYR B 199 -7.34 -28.62 -2.19
C TYR B 199 -7.61 -29.08 -3.61
N GLN B 200 -8.85 -29.46 -3.90
CA GLN B 200 -9.21 -29.94 -5.22
C GLN B 200 -9.20 -28.79 -6.22
N LEU B 201 -9.77 -27.65 -5.84
CA LEU B 201 -9.80 -26.50 -6.72
C LEU B 201 -8.38 -26.08 -7.10
N VAL B 202 -7.49 -25.98 -6.11
CA VAL B 202 -6.09 -25.69 -6.37
C VAL B 202 -5.51 -26.67 -7.39
N ASP B 203 -5.79 -27.96 -7.21
CA ASP B 203 -5.25 -28.96 -8.11
C ASP B 203 -5.80 -28.78 -9.52
N GLU B 204 -7.11 -28.50 -9.66
CA GLU B 204 -7.67 -28.31 -10.99
C GLU B 204 -7.07 -27.10 -11.67
N VAL B 205 -6.86 -26.01 -10.93
CA VAL B 205 -6.30 -24.81 -11.56
C VAL B 205 -4.86 -25.06 -12.01
N ILE B 206 -4.05 -25.68 -11.15
CA ILE B 206 -2.69 -26.05 -11.52
C ILE B 206 -2.70 -26.87 -12.80
N GLU B 207 -3.57 -27.89 -12.87
CA GLU B 207 -3.55 -28.79 -14.03
C GLU B 207 -3.95 -28.07 -15.30
N ARG B 208 -4.88 -27.13 -15.21
CA ARG B 208 -5.22 -26.33 -16.39
C ARG B 208 -4.06 -25.41 -16.78
N VAL B 209 -3.42 -24.77 -15.81
CA VAL B 209 -2.24 -23.97 -16.11
C VAL B 209 -1.16 -24.85 -16.76
N ASN B 210 -0.94 -26.04 -16.22
CA ASN B 210 0.01 -26.95 -16.84
C ASN B 210 -0.35 -27.24 -18.29
N LEU B 211 -1.65 -27.35 -18.59
CA LEU B 211 -2.05 -27.61 -19.97
C LEU B 211 -1.75 -26.40 -20.85
N HIS B 212 -2.21 -25.22 -20.43
CA HIS B 212 -1.95 -24.01 -21.19
C HIS B 212 -0.48 -23.82 -21.48
N GLU B 213 0.40 -24.07 -20.50
CA GLU B 213 1.82 -23.84 -20.70
C GLU B 213 2.50 -24.87 -21.59
N LYS B 214 2.07 -26.12 -21.50
CA LYS B 214 2.62 -27.16 -22.35
C LYS B 214 2.30 -26.92 -23.82
N VAL B 215 1.05 -26.59 -24.15
CA VAL B 215 0.71 -26.32 -25.54
C VAL B 215 1.32 -25.01 -26.01
N ALA B 216 1.71 -24.14 -25.08
CA ALA B 216 2.41 -22.92 -25.48
C ALA B 216 3.89 -23.18 -25.74
N SER B 217 4.51 -24.11 -25.01
CA SER B 217 5.96 -24.30 -25.13
C SER B 217 6.38 -25.55 -25.87
N GLN B 218 5.50 -26.55 -26.02
CA GLN B 218 5.86 -27.78 -26.74
C GLN B 218 5.59 -27.58 -28.23
N PRO B 219 6.60 -27.59 -29.08
CA PRO B 219 6.37 -27.26 -30.49
C PRO B 219 5.86 -28.44 -31.28
N ILE B 220 5.07 -28.14 -32.32
CA ILE B 220 4.66 -29.13 -33.28
C ILE B 220 5.79 -29.44 -34.24
N PHE B 221 6.63 -28.44 -34.55
CA PHE B 221 7.76 -28.56 -35.47
C PHE B 221 9.04 -28.31 -34.69
N LYS B 222 10.09 -29.01 -35.10
CA LYS B 222 11.38 -28.86 -34.44
C LYS B 222 11.83 -27.41 -34.41
N GLN B 223 12.11 -26.90 -33.21
CA GLN B 223 12.60 -25.54 -33.04
C GLN B 223 11.54 -24.56 -33.52
#